data_6W0J
#
_entry.id   6W0J
#
_cell.length_a   156.329
_cell.length_b   156.329
_cell.length_c   76.359
_cell.angle_alpha   90.000
_cell.angle_beta   90.000
_cell.angle_gamma   90.000
#
_symmetry.space_group_name_H-M   'I 4'
#
loop_
_entity.id
_entity.type
_entity.pdbx_description
1 polymer 'Fab Heavy Chain'
2 polymer 'Fab Light Chain'
3 polymer 'pH-gated potassium channel KcsA'
4 non-polymer 'BARIUM ION'
5 water water
#
loop_
_entity_poly.entity_id
_entity_poly.type
_entity_poly.pdbx_seq_one_letter_code
_entity_poly.pdbx_strand_id
1 'polypeptide(L)'
;QVQLQQPGAELVKPGASVKLSCKASGYTFTSDWIHWVKQRPGHGLEWIGEIIPSYGRANYNEKIQKKATLTADKSSSTAF
MQLSSLTSEDSAVYYCARERGDGYFAVWGAGTTVTVSSAKTTPPSVYPLAPGSAAQTNSMVTLGCLVKGYFPEPVTVTWN
SGSLSSGVHTFPAVLQSDLYTLSSSVTVPSSSWPSETVTCNVAHPASSTKVDKKIVPRD
;
A
2 'polypeptide(L)'
;DILLTQSPAILSVSPGERVSFSCRASQSIGTDIHWYQQRTNGSPRLLIKYASESISGIPSRFSGSGSGTDFTLSINSVES
EDIANYYCQQSNRWPFTFGSGTKLEIKRADAAPTVSIFPPSSEQLTSGGASVVCFLNNFYPKDINVKWKIDGSERQNGVL
NSWTDQDSKDSTYSMSSTLTLTKDEYERHNSYTCEATHKTSTSPIVKSFNRN
;
B
3 'polypeptide(L)'
;SALHWRAAGAATVLLVIVLLAGSYLAVLAERGAPGAQLITYPRALWWSVETATTVGYGDLYPVTLWGRCVAVVVMVAGIT
SFGLVTAALATWFVGREQERRGH
;
C
#
loop_
_chem_comp.id
_chem_comp.type
_chem_comp.name
_chem_comp.formula
BA non-polymer 'BARIUM ION' 'Ba 2'
#
# COMPACT_ATOMS: atom_id res chain seq x y z
CA GLN A 1 -8.36 13.59 6.81
C GLN A 1 -8.50 12.33 5.93
N VAL A 2 -8.37 11.16 6.56
CA VAL A 2 -8.31 9.87 5.86
C VAL A 2 -9.41 9.73 4.82
N GLN A 3 -9.00 9.63 3.54
CA GLN A 3 -9.94 9.75 2.45
C GLN A 3 -10.59 8.43 2.05
N LEU A 4 -9.95 7.29 2.32
CA LEU A 4 -10.48 5.97 2.00
C LEU A 4 -10.36 5.08 3.23
N GLN A 5 -11.50 4.67 3.80
CA GLN A 5 -11.52 3.92 5.05
C GLN A 5 -11.85 2.44 4.78
N GLN A 6 -10.95 1.55 5.18
CA GLN A 6 -11.21 0.13 5.06
C GLN A 6 -11.09 -0.58 6.39
N PRO A 7 -11.91 -1.61 6.64
CA PRO A 7 -11.71 -2.44 7.84
C PRO A 7 -10.33 -3.08 7.82
N GLY A 8 -9.72 -3.16 8.99
CA GLY A 8 -8.35 -3.65 9.08
C GLY A 8 -8.21 -5.11 8.69
N ALA A 9 -9.21 -5.93 9.03
CA ALA A 9 -9.08 -7.38 8.90
C ALA A 9 -10.43 -8.03 8.65
N GLU A 10 -10.41 -9.11 7.86
CA GLU A 10 -11.52 -10.05 7.77
C GLU A 10 -10.96 -11.47 7.79
N LEU A 11 -11.56 -12.32 8.61
CA LEU A 11 -11.28 -13.75 8.62
C LEU A 11 -12.41 -14.47 7.89
N VAL A 12 -12.06 -15.34 6.95
CA VAL A 12 -13.02 -16.04 6.10
C VAL A 12 -12.74 -17.54 6.12
N LYS A 13 -13.78 -18.34 6.37
CA LYS A 13 -13.63 -19.79 6.27
C LYS A 13 -13.55 -20.20 4.80
N PRO A 14 -12.72 -21.19 4.46
CA PRO A 14 -12.60 -21.60 3.05
C PRO A 14 -13.93 -22.03 2.48
N GLY A 15 -14.21 -21.55 1.27
CA GLY A 15 -15.49 -21.74 0.62
C GLY A 15 -16.48 -20.63 0.83
N ALA A 16 -16.31 -19.82 1.89
CA ALA A 16 -17.24 -18.77 2.23
C ALA A 16 -16.91 -17.51 1.43
N SER A 17 -17.49 -16.39 1.86
CA SER A 17 -17.42 -15.13 1.13
C SER A 17 -17.26 -13.99 2.13
N VAL A 18 -16.84 -12.83 1.64
CA VAL A 18 -16.70 -11.64 2.44
C VAL A 18 -16.92 -10.42 1.55
N LYS A 19 -17.58 -9.40 2.08
CA LYS A 19 -17.82 -8.15 1.37
C LYS A 19 -16.96 -7.07 2.03
N LEU A 20 -15.90 -6.66 1.35
CA LEU A 20 -15.03 -5.62 1.86
C LEU A 20 -15.59 -4.24 1.55
N SER A 21 -15.49 -3.33 2.51
CA SER A 21 -15.94 -1.96 2.31
C SER A 21 -14.78 -1.01 2.08
N CYS A 22 -15.11 0.15 1.56
CA CYS A 22 -14.16 1.23 1.32
C CYS A 22 -14.98 2.52 1.30
N LYS A 23 -15.01 3.21 2.45
CA LYS A 23 -15.79 4.45 2.55
C LYS A 23 -14.92 5.63 2.11
N ALA A 24 -15.42 6.41 1.16
CA ALA A 24 -14.70 7.55 0.60
C ALA A 24 -15.09 8.86 1.28
N SER A 25 -14.12 9.76 1.39
CA SER A 25 -14.30 11.10 1.95
C SER A 25 -13.51 12.08 1.11
N GLY A 26 -13.49 13.33 1.54
CA GLY A 26 -12.82 14.35 0.75
C GLY A 26 -13.67 14.71 -0.45
N TYR A 27 -13.01 15.23 -1.48
CA TYR A 27 -13.72 15.58 -2.71
C TYR A 27 -14.13 14.31 -3.45
N THR A 28 -15.42 14.21 -3.77
CA THR A 28 -15.95 13.13 -4.59
C THR A 28 -16.56 13.74 -5.85
N PHE A 29 -16.19 13.20 -7.00
CA PHE A 29 -16.77 13.66 -8.26
C PHE A 29 -17.52 12.50 -8.90
N THR A 30 -18.50 12.85 -9.73
CA THR A 30 -19.19 11.86 -10.54
C THR A 30 -18.22 11.06 -11.42
N SER A 31 -17.04 11.59 -11.71
CA SER A 31 -16.11 10.96 -12.63
C SER A 31 -15.13 10.00 -11.94
N ASP A 32 -15.13 9.93 -10.61
CA ASP A 32 -14.17 9.12 -9.87
C ASP A 32 -14.38 7.62 -10.10
N TRP A 33 -13.26 6.91 -10.26
CA TRP A 33 -13.23 5.45 -10.17
C TRP A 33 -12.59 5.02 -8.86
N ILE A 34 -13.13 3.97 -8.25
CA ILE A 34 -12.50 3.29 -7.13
C ILE A 34 -12.00 1.94 -7.64
N HIS A 35 -10.69 1.69 -7.48
CA HIS A 35 -10.03 0.44 -7.84
C HIS A 35 -9.78 -0.41 -6.60
N TRP A 36 -9.51 -1.69 -6.84
CA TRP A 36 -9.16 -2.62 -5.78
C TRP A 36 -7.91 -3.39 -6.18
N VAL A 37 -7.01 -3.58 -5.24
CA VAL A 37 -5.67 -4.11 -5.51
C VAL A 37 -5.31 -5.14 -4.45
N LYS A 38 -4.88 -6.31 -4.89
CA LYS A 38 -4.60 -7.45 -4.02
C LYS A 38 -3.10 -7.57 -3.83
N GLN A 39 -2.66 -7.67 -2.57
CA GLN A 39 -1.24 -7.88 -2.28
C GLN A 39 -1.07 -9.10 -1.36
N ARG A 40 -0.62 -10.21 -1.93
CA ARG A 40 -0.37 -11.39 -1.13
C ARG A 40 0.95 -11.21 -0.39
N PRO A 41 1.03 -11.70 0.85
CA PRO A 41 2.20 -11.41 1.69
C PRO A 41 3.51 -11.65 0.96
N GLY A 42 4.39 -10.65 1.01
CA GLY A 42 5.66 -10.73 0.34
C GLY A 42 5.63 -10.69 -1.17
N HIS A 43 4.48 -10.43 -1.79
CA HIS A 43 4.43 -10.35 -3.25
C HIS A 43 4.05 -8.94 -3.71
N GLY A 44 3.86 -8.79 -5.01
CA GLY A 44 3.59 -7.50 -5.59
C GLY A 44 2.12 -7.12 -5.56
N LEU A 45 1.82 -6.03 -6.26
CA LEU A 45 0.49 -5.48 -6.40
C LEU A 45 -0.21 -6.06 -7.64
N GLU A 46 -1.48 -6.40 -7.46
CA GLU A 46 -2.28 -7.07 -8.47
C GLU A 46 -3.59 -6.29 -8.59
N TRP A 47 -3.84 -5.75 -9.79
CA TRP A 47 -5.07 -5.02 -10.03
C TRP A 47 -6.23 -6.01 -10.14
N ILE A 48 -7.27 -5.80 -9.34
CA ILE A 48 -8.45 -6.68 -9.36
C ILE A 48 -9.58 -6.12 -10.23
N GLY A 49 -9.92 -4.85 -10.06
CA GLY A 49 -11.10 -4.32 -10.73
C GLY A 49 -11.34 -2.88 -10.38
N GLU A 50 -12.36 -2.31 -11.02
CA GLU A 50 -12.63 -0.90 -10.89
C GLU A 50 -14.13 -0.69 -10.99
N ILE A 51 -14.62 0.31 -10.26
CA ILE A 51 -16.02 0.72 -10.36
C ILE A 51 -16.09 2.24 -10.46
N ILE A 52 -17.06 2.72 -11.25
CA ILE A 52 -17.42 4.13 -11.25
C ILE A 52 -18.71 4.27 -10.45
N PRO A 53 -18.68 4.79 -9.23
CA PRO A 53 -19.87 4.70 -8.36
C PRO A 53 -21.06 5.47 -8.89
N SER A 54 -20.83 6.61 -9.53
CA SER A 54 -21.88 7.46 -10.07
C SER A 54 -22.52 6.87 -11.34
N TYR A 55 -22.36 5.57 -11.54
CA TYR A 55 -23.01 4.87 -12.65
C TYR A 55 -23.14 3.39 -12.30
N GLY A 56 -22.23 2.89 -11.45
CA GLY A 56 -22.23 1.51 -11.02
C GLY A 56 -21.57 0.53 -11.98
N ARG A 57 -20.97 1.00 -13.07
CA ARG A 57 -20.29 0.09 -13.99
C ARG A 57 -18.95 -0.32 -13.42
N ALA A 58 -18.66 -1.63 -13.50
CA ALA A 58 -17.42 -2.20 -12.99
C ALA A 58 -16.75 -3.06 -14.04
N ASN A 59 -15.41 -3.03 -14.03
CA ASN A 59 -14.56 -3.86 -14.88
C ASN A 59 -13.60 -4.64 -14.01
N TYR A 60 -13.11 -5.76 -14.57
CA TYR A 60 -12.34 -6.73 -13.81
C TYR A 60 -11.10 -7.19 -14.56
N ASN A 61 -10.08 -7.54 -13.78
CA ASN A 61 -8.92 -8.27 -14.29
C ASN A 61 -9.37 -9.64 -14.81
N GLU A 62 -9.44 -9.81 -16.12
CA GLU A 62 -9.87 -11.05 -16.73
C GLU A 62 -8.78 -12.12 -16.78
N LYS A 63 -7.53 -11.75 -16.44
CA LYS A 63 -6.38 -12.65 -16.47
C LYS A 63 -6.36 -13.62 -15.30
N ILE A 64 -7.13 -13.39 -14.25
CA ILE A 64 -7.14 -14.22 -13.05
C ILE A 64 -8.54 -14.81 -12.85
N GLN A 65 -8.62 -15.77 -11.95
CA GLN A 65 -9.91 -16.36 -11.59
C GLN A 65 -10.82 -15.28 -11.02
N LYS A 66 -12.02 -15.14 -11.56
CA LYS A 66 -12.91 -14.08 -11.08
C LYS A 66 -13.48 -14.47 -9.72
N LYS A 67 -12.96 -13.87 -8.66
CA LYS A 67 -13.49 -14.00 -7.32
C LYS A 67 -14.33 -12.81 -6.88
N ALA A 68 -14.22 -11.67 -7.56
CA ALA A 68 -14.72 -10.41 -7.02
C ALA A 68 -15.94 -9.89 -7.78
N THR A 69 -16.78 -9.16 -7.05
CA THR A 69 -17.92 -8.44 -7.60
C THR A 69 -17.95 -7.06 -6.99
N LEU A 70 -17.83 -6.03 -7.81
CA LEU A 70 -17.78 -4.67 -7.29
C LEU A 70 -19.13 -4.00 -7.36
N THR A 71 -19.50 -3.33 -6.26
CA THR A 71 -20.70 -2.51 -6.18
C THR A 71 -20.35 -1.21 -5.44
N ALA A 72 -21.26 -0.25 -5.52
CA ALA A 72 -21.05 1.00 -4.80
C ALA A 72 -22.39 1.53 -4.32
N ASP A 73 -22.36 2.16 -3.16
CA ASP A 73 -23.52 2.85 -2.61
C ASP A 73 -23.28 4.34 -2.72
N LYS A 74 -23.90 4.97 -3.73
CA LYS A 74 -23.84 6.41 -3.87
C LYS A 74 -24.24 7.11 -2.58
N SER A 75 -25.31 6.64 -1.93
CA SER A 75 -25.77 7.29 -0.71
C SER A 75 -24.64 7.46 0.29
N SER A 76 -23.89 6.39 0.57
CA SER A 76 -22.91 6.41 1.66
C SER A 76 -21.47 6.54 1.18
N SER A 77 -21.25 6.87 -0.10
CA SER A 77 -19.92 6.96 -0.71
C SER A 77 -19.05 5.75 -0.38
N THR A 78 -19.65 4.57 -0.23
CA THR A 78 -18.90 3.36 0.08
C THR A 78 -18.84 2.42 -1.13
N ALA A 79 -17.64 1.97 -1.46
CA ALA A 79 -17.44 0.94 -2.48
C ALA A 79 -17.23 -0.40 -1.80
N PHE A 80 -17.81 -1.43 -2.38
CA PHE A 80 -17.74 -2.77 -1.81
C PHE A 80 -17.10 -3.72 -2.81
N MET A 81 -16.34 -4.67 -2.30
CA MET A 81 -15.80 -5.77 -3.11
C MET A 81 -16.22 -7.06 -2.45
N GLN A 82 -17.07 -7.83 -3.13
CA GLN A 82 -17.54 -9.11 -2.65
C GLN A 82 -16.59 -10.19 -3.18
N LEU A 83 -15.86 -10.83 -2.29
CA LEU A 83 -14.97 -11.94 -2.64
C LEU A 83 -15.66 -13.25 -2.27
N SER A 84 -15.81 -14.14 -3.24
CA SER A 84 -16.61 -15.34 -3.06
C SER A 84 -15.76 -16.61 -3.21
N SER A 85 -16.21 -17.66 -2.53
CA SER A 85 -15.64 -19.02 -2.61
C SER A 85 -14.11 -19.00 -2.48
N LEU A 86 -13.65 -18.44 -1.37
CA LEU A 86 -12.23 -18.18 -1.18
C LEU A 86 -11.47 -19.42 -0.73
N THR A 87 -10.20 -19.49 -1.12
CA THR A 87 -9.23 -20.49 -0.68
C THR A 87 -8.03 -19.76 -0.09
N SER A 88 -7.03 -20.54 0.37
CA SER A 88 -5.83 -19.93 0.94
C SER A 88 -5.16 -18.99 -0.07
N GLU A 89 -5.30 -19.29 -1.38
CA GLU A 89 -4.77 -18.41 -2.42
C GLU A 89 -5.33 -17.00 -2.32
N ASP A 90 -6.49 -16.81 -1.71
CA ASP A 90 -7.12 -15.50 -1.66
C ASP A 90 -6.76 -14.71 -0.40
N SER A 91 -5.97 -15.29 0.51
CA SER A 91 -5.47 -14.57 1.68
C SER A 91 -4.50 -13.47 1.25
N ALA A 92 -4.79 -12.23 1.60
CA ALA A 92 -3.95 -11.11 1.16
C ALA A 92 -4.42 -9.84 1.82
N VAL A 93 -3.69 -8.78 1.56
CA VAL A 93 -4.15 -7.42 1.84
C VAL A 93 -4.84 -6.89 0.59
N TYR A 94 -6.05 -6.37 0.75
CA TYR A 94 -6.80 -5.82 -0.37
C TYR A 94 -6.94 -4.31 -0.14
N TYR A 95 -6.33 -3.53 -1.01
CA TYR A 95 -6.40 -2.08 -0.93
C TYR A 95 -7.47 -1.58 -1.87
N CYS A 96 -8.21 -0.58 -1.44
CA CYS A 96 -8.94 0.23 -2.40
C CYS A 96 -8.16 1.51 -2.61
N ALA A 97 -8.32 2.11 -3.78
CA ALA A 97 -7.65 3.36 -4.13
C ALA A 97 -8.55 4.16 -5.04
N ARG A 98 -8.43 5.48 -5.00
CA ARG A 98 -9.26 6.38 -5.79
C ARG A 98 -8.45 6.93 -6.96
N GLU A 99 -9.09 6.97 -8.13
CA GLU A 99 -8.46 7.43 -9.37
C GLU A 99 -9.40 8.45 -10.03
N ARG A 100 -8.90 9.65 -10.32
CA ARG A 100 -9.75 10.70 -10.87
C ARG A 100 -9.96 10.52 -12.38
N GLY A 101 -9.98 9.29 -12.86
CA GLY A 101 -10.09 9.10 -14.29
C GLY A 101 -8.93 9.65 -15.09
N ASP A 102 -7.81 9.95 -14.45
CA ASP A 102 -6.62 10.38 -15.16
C ASP A 102 -5.45 9.42 -15.00
N GLY A 103 -5.70 8.18 -14.56
CA GLY A 103 -4.78 7.07 -14.76
C GLY A 103 -4.03 6.57 -13.54
N TYR A 104 -3.89 7.38 -12.49
CA TYR A 104 -3.06 7.01 -11.35
C TYR A 104 -3.87 7.01 -10.07
N PHE A 105 -3.31 6.39 -9.04
CA PHE A 105 -4.02 6.19 -7.78
C PHE A 105 -3.47 7.21 -6.78
N ALA A 106 -4.19 8.32 -6.66
CA ALA A 106 -3.72 9.42 -5.83
C ALA A 106 -3.73 9.04 -4.36
N VAL A 107 -4.72 8.25 -3.95
CA VAL A 107 -4.92 7.96 -2.54
C VAL A 107 -5.37 6.51 -2.42
N TRP A 108 -4.89 5.85 -1.38
CA TRP A 108 -5.18 4.46 -1.10
C TRP A 108 -5.79 4.33 0.28
N GLY A 109 -6.45 3.22 0.50
CA GLY A 109 -6.84 2.85 1.84
C GLY A 109 -5.72 2.10 2.54
N ALA A 110 -5.83 2.04 3.86
CA ALA A 110 -4.85 1.31 4.64
C ALA A 110 -4.87 -0.16 4.31
N GLY A 111 -5.91 -0.62 3.64
CA GLY A 111 -5.97 -2.02 3.25
C GLY A 111 -6.63 -2.88 4.30
N THR A 112 -7.23 -3.97 3.82
CA THR A 112 -7.91 -4.96 4.63
C THR A 112 -7.18 -6.29 4.52
N THR A 113 -6.63 -6.75 5.64
CA THR A 113 -5.99 -8.07 5.71
C THR A 113 -7.07 -9.13 5.71
N VAL A 114 -7.15 -9.92 4.64
CA VAL A 114 -8.10 -11.02 4.57
C VAL A 114 -7.35 -12.32 4.81
N THR A 115 -7.84 -13.11 5.73
CA THR A 115 -7.25 -14.40 6.07
C THR A 115 -8.29 -15.47 5.84
N VAL A 116 -7.98 -16.43 4.98
CA VAL A 116 -8.86 -17.57 4.74
C VAL A 116 -8.36 -18.74 5.59
N SER A 117 -9.10 -19.08 6.64
CA SER A 117 -8.71 -20.11 7.59
C SER A 117 -9.94 -20.69 8.29
N SER A 118 -9.77 -21.87 8.88
CA SER A 118 -10.79 -22.47 9.72
C SER A 118 -10.58 -22.17 11.21
N ALA A 119 -9.48 -21.51 11.54
CA ALA A 119 -9.11 -21.30 12.93
C ALA A 119 -9.98 -20.23 13.59
N LYS A 120 -10.23 -20.43 14.89
CA LYS A 120 -11.01 -19.46 15.65
C LYS A 120 -10.29 -18.12 15.72
N THR A 121 -11.07 -17.05 15.58
CA THR A 121 -10.59 -15.73 15.98
C THR A 121 -10.18 -15.76 17.45
N THR A 122 -9.03 -15.16 17.75
CA THR A 122 -8.50 -15.17 19.10
C THR A 122 -7.83 -13.85 19.42
N PRO A 123 -8.34 -13.09 20.39
CA PRO A 123 -7.68 -11.84 20.75
C PRO A 123 -6.36 -12.15 21.43
N PRO A 124 -5.37 -11.28 21.32
CA PRO A 124 -4.05 -11.60 21.86
C PRO A 124 -3.99 -11.42 23.37
N SER A 125 -3.00 -12.08 23.97
CA SER A 125 -2.58 -11.79 25.34
C SER A 125 -1.32 -10.93 25.30
N VAL A 126 -1.25 -9.96 26.19
CA VAL A 126 -0.23 -8.92 26.14
C VAL A 126 0.43 -8.85 27.51
N TYR A 127 1.76 -9.02 27.53
CA TYR A 127 2.54 -9.15 28.76
C TYR A 127 3.67 -8.15 28.77
N PRO A 128 4.04 -7.62 29.94
CA PRO A 128 5.15 -6.69 30.01
C PRO A 128 6.47 -7.37 29.69
N LEU A 129 7.42 -6.57 29.23
CA LEU A 129 8.82 -6.98 29.12
C LEU A 129 9.63 -5.87 29.78
N ALA A 130 9.96 -6.08 31.05
CA ALA A 130 10.78 -5.16 31.81
C ALA A 130 12.05 -5.87 32.25
N PRO A 131 13.18 -5.14 32.39
CA PRO A 131 14.45 -5.82 32.70
C PRO A 131 14.35 -6.60 33.98
N GLY A 132 15.21 -7.62 34.10
CA GLY A 132 15.38 -8.32 35.35
C GLY A 132 16.18 -7.52 36.36
N SER A 133 16.19 -8.02 37.60
CA SER A 133 16.74 -7.28 38.73
C SER A 133 18.25 -7.02 38.59
N ALA A 134 18.97 -7.86 37.84
CA ALA A 134 20.42 -7.77 37.75
C ALA A 134 20.90 -7.03 36.50
N ALA A 135 20.00 -6.61 35.64
CA ALA A 135 20.39 -5.85 34.45
C ALA A 135 20.80 -4.44 34.84
N GLN A 136 22.03 -4.06 34.52
CA GLN A 136 22.46 -2.66 34.62
C GLN A 136 22.01 -1.93 33.37
N THR A 137 21.79 -0.63 33.50
CA THR A 137 21.30 0.18 32.37
C THR A 137 22.37 1.14 31.89
N ASN A 138 22.37 1.36 30.57
CA ASN A 138 23.20 2.40 29.96
C ASN A 138 22.56 3.76 30.20
N SER A 139 22.65 4.65 29.23
CA SER A 139 21.83 5.84 29.27
C SER A 139 20.48 5.62 28.61
N MET A 140 20.33 4.54 27.86
CA MET A 140 19.05 4.10 27.34
C MET A 140 18.60 2.86 28.12
N VAL A 141 17.32 2.54 28.00
CA VAL A 141 16.77 1.29 28.52
C VAL A 141 15.79 0.76 27.48
N THR A 142 15.81 -0.56 27.30
CA THR A 142 14.91 -1.22 26.35
C THR A 142 13.79 -1.90 27.11
N LEU A 143 12.56 -1.56 26.78
CA LEU A 143 11.37 -2.19 27.32
C LEU A 143 10.64 -2.84 26.16
N GLY A 144 9.58 -3.57 26.48
CA GLY A 144 8.75 -4.09 25.41
C GLY A 144 7.49 -4.71 25.96
N CYS A 145 6.67 -5.21 25.04
CA CYS A 145 5.59 -6.09 25.48
C CYS A 145 5.33 -7.16 24.43
N LEU A 146 4.88 -8.32 24.91
CA LEU A 146 4.83 -9.56 24.16
C LEU A 146 3.37 -9.86 23.80
N VAL A 147 3.08 -9.91 22.50
CA VAL A 147 1.72 -10.08 21.98
C VAL A 147 1.59 -11.52 21.49
N LYS A 148 0.94 -12.35 22.30
CA LYS A 148 0.99 -13.80 22.18
C LYS A 148 -0.40 -14.40 21.96
N GLY A 149 -0.45 -15.43 21.11
CA GLY A 149 -1.63 -16.24 20.91
C GLY A 149 -2.83 -15.51 20.34
N TYR A 150 -2.65 -14.87 19.17
CA TYR A 150 -3.76 -14.22 18.49
C TYR A 150 -3.93 -14.78 17.09
N PHE A 151 -5.16 -14.71 16.60
CA PHE A 151 -5.50 -15.10 15.22
C PHE A 151 -6.73 -14.31 14.81
N PRO A 152 -6.79 -13.81 13.57
CA PRO A 152 -5.75 -13.81 12.54
C PRO A 152 -4.88 -12.57 12.62
N GLU A 153 -3.96 -12.41 11.67
CA GLU A 153 -3.26 -11.15 11.55
C GLU A 153 -4.27 -10.09 11.14
N PRO A 154 -3.97 -8.80 11.40
CA PRO A 154 -2.79 -8.27 12.08
C PRO A 154 -3.10 -7.70 13.47
N VAL A 155 -2.05 -7.30 14.18
CA VAL A 155 -2.17 -6.45 15.36
C VAL A 155 -1.43 -5.16 15.07
N THR A 156 -1.86 -4.08 15.70
CA THR A 156 -1.20 -2.78 15.56
C THR A 156 -0.73 -2.32 16.93
N VAL A 157 0.59 -2.26 17.10
CA VAL A 157 1.21 -1.95 18.39
C VAL A 157 1.78 -0.55 18.33
N THR A 158 1.27 0.34 19.18
CA THR A 158 1.81 1.66 19.44
C THR A 158 2.36 1.72 20.86
N TRP A 159 2.95 2.86 21.21
CA TRP A 159 3.48 3.08 22.54
C TRP A 159 3.06 4.46 23.04
N ASN A 160 2.43 4.51 24.21
CA ASN A 160 1.84 5.75 24.74
C ASN A 160 0.94 6.41 23.70
N SER A 161 0.02 5.63 23.15
CA SER A 161 -1.04 6.13 22.28
C SER A 161 -0.47 6.83 21.05
N GLY A 162 0.62 6.30 20.50
CA GLY A 162 1.25 6.86 19.33
C GLY A 162 2.31 7.92 19.60
N SER A 163 2.29 8.57 20.77
CA SER A 163 3.19 9.67 21.05
C SER A 163 4.66 9.26 21.16
N LEU A 164 4.99 7.97 21.06
CA LEU A 164 6.36 7.48 21.27
C LEU A 164 6.77 6.62 20.07
N SER A 165 7.32 7.27 19.05
CA SER A 165 7.65 6.61 17.78
C SER A 165 9.13 6.27 17.63
N SER A 166 10.02 7.08 18.19
CA SER A 166 11.46 6.87 18.04
C SER A 166 11.92 5.79 19.02
N GLY A 167 12.63 4.78 18.50
CA GLY A 167 13.14 3.72 19.32
C GLY A 167 12.27 2.49 19.40
N VAL A 168 11.56 2.15 18.33
CA VAL A 168 10.49 1.16 18.36
C VAL A 168 10.67 0.18 17.21
N HIS A 169 10.86 -1.10 17.54
CA HIS A 169 10.69 -2.19 16.58
C HIS A 169 9.51 -3.04 17.00
N THR A 170 8.64 -3.36 16.05
CA THR A 170 7.68 -4.44 16.21
C THR A 170 8.04 -5.56 15.25
N PHE A 171 8.12 -6.73 15.75
CA PHE A 171 8.62 -7.84 14.94
C PHE A 171 7.48 -8.51 14.19
N PRO A 172 7.80 -9.09 13.04
CA PRO A 172 6.81 -9.94 12.36
C PRO A 172 6.34 -11.05 13.27
N ALA A 173 5.06 -11.38 13.18
CA ALA A 173 4.55 -12.47 14.00
C ALA A 173 5.13 -13.81 13.51
N VAL A 174 5.16 -14.79 14.41
CA VAL A 174 5.39 -16.19 14.07
C VAL A 174 4.09 -16.94 14.31
N LEU A 175 3.90 -17.99 13.53
CA LEU A 175 2.66 -18.75 13.59
C LEU A 175 2.97 -20.15 14.11
N GLN A 176 2.32 -20.53 15.20
CA GLN A 176 2.47 -21.86 15.78
C GLN A 176 1.11 -22.37 16.21
N SER A 177 0.72 -23.53 15.69
CA SER A 177 -0.51 -24.21 16.11
C SER A 177 -1.72 -23.30 15.92
N ASP A 178 -1.71 -22.54 14.81
CA ASP A 178 -2.82 -21.69 14.37
C ASP A 178 -3.02 -20.45 15.25
N LEU A 179 -1.94 -19.94 15.85
CA LEU A 179 -1.97 -18.66 16.56
C LEU A 179 -0.67 -17.89 16.36
N TYR A 180 -0.78 -16.57 16.23
CA TYR A 180 0.37 -15.71 15.96
C TYR A 180 0.95 -15.15 17.26
N THR A 181 2.24 -14.87 17.21
CA THR A 181 2.93 -14.28 18.34
C THR A 181 4.03 -13.34 17.82
N LEU A 182 4.06 -12.13 18.37
CA LEU A 182 5.13 -11.20 18.12
C LEU A 182 5.47 -10.49 19.43
N SER A 183 6.56 -9.75 19.42
CA SER A 183 6.90 -8.83 20.49
C SER A 183 7.19 -7.47 19.87
N SER A 184 7.24 -6.46 20.73
CA SER A 184 7.50 -5.09 20.28
C SER A 184 8.46 -4.46 21.27
N SER A 185 9.51 -3.83 20.77
CA SER A 185 10.60 -3.27 21.58
C SER A 185 10.55 -1.75 21.53
N VAL A 186 10.79 -1.10 22.68
CA VAL A 186 10.84 0.35 22.79
C VAL A 186 12.04 0.73 23.65
N THR A 187 12.80 1.74 23.20
CA THR A 187 13.98 2.21 23.93
C THR A 187 13.83 3.68 24.26
N VAL A 188 13.88 3.99 25.55
CA VAL A 188 13.76 5.37 26.05
C VAL A 188 15.00 5.67 26.89
N PRO A 189 15.25 6.94 27.16
CA PRO A 189 16.32 7.29 28.10
C PRO A 189 16.13 6.57 29.43
N SER A 190 17.20 5.91 29.88
CA SER A 190 17.16 5.21 31.17
C SER A 190 16.76 6.16 32.29
N SER A 191 17.07 7.46 32.13
CA SER A 191 16.66 8.47 33.11
C SER A 191 15.14 8.57 33.19
N SER A 192 14.47 8.49 32.05
CA SER A 192 13.04 8.80 31.98
C SER A 192 12.16 7.67 32.47
N TRP A 193 12.71 6.49 32.79
CA TRP A 193 11.86 5.39 33.20
C TRP A 193 12.28 4.88 34.58
N PRO A 194 11.33 4.58 35.47
CA PRO A 194 9.87 4.61 35.29
C PRO A 194 9.20 5.93 35.64
N SER A 195 9.98 6.96 35.97
CA SER A 195 9.38 8.24 36.36
C SER A 195 8.36 8.70 35.34
N GLU A 196 8.61 8.46 34.05
CA GLU A 196 7.68 8.77 32.99
C GLU A 196 7.06 7.48 32.46
N THR A 197 5.73 7.45 32.45
CA THR A 197 4.98 6.23 32.18
C THR A 197 5.18 5.74 30.74
N VAL A 198 5.26 4.42 30.56
CA VAL A 198 5.44 3.79 29.25
C VAL A 198 4.42 2.66 29.11
N THR A 199 3.63 2.71 28.04
CA THR A 199 2.50 1.79 27.85
C THR A 199 2.41 1.42 26.38
N CYS A 200 2.33 0.13 26.10
CA CYS A 200 2.05 -0.32 24.73
C CYS A 200 0.55 -0.51 24.56
N ASN A 201 0.04 -0.10 23.40
CA ASN A 201 -1.35 -0.28 23.04
C ASN A 201 -1.39 -1.25 21.88
N VAL A 202 -2.07 -2.38 22.07
CA VAL A 202 -2.16 -3.43 21.05
C VAL A 202 -3.59 -3.48 20.57
N ALA A 203 -3.79 -3.23 19.29
CA ALA A 203 -5.11 -3.29 18.68
C ALA A 203 -5.18 -4.53 17.80
N HIS A 204 -6.26 -5.31 17.95
CA HIS A 204 -6.51 -6.49 17.14
C HIS A 204 -7.84 -6.32 16.40
N PRO A 205 -7.83 -5.73 15.19
CA PRO A 205 -9.09 -5.43 14.50
C PRO A 205 -10.05 -6.61 14.38
N ALA A 206 -9.54 -7.80 14.09
CA ALA A 206 -10.37 -8.96 13.85
C ALA A 206 -11.18 -9.37 15.08
N SER A 207 -10.78 -8.96 16.28
CA SER A 207 -11.58 -9.19 17.47
C SER A 207 -12.14 -7.89 18.03
N SER A 208 -11.96 -6.78 17.32
CA SER A 208 -12.43 -5.46 17.74
C SER A 208 -11.96 -5.13 19.16
N THR A 209 -10.74 -5.55 19.50
CA THR A 209 -10.17 -5.30 20.81
C THR A 209 -8.94 -4.42 20.68
N LYS A 210 -8.76 -3.56 21.68
CA LYS A 210 -7.57 -2.73 21.84
C LYS A 210 -7.29 -2.66 23.33
N VAL A 211 -6.08 -3.08 23.73
CA VAL A 211 -5.76 -3.16 25.15
C VAL A 211 -4.44 -2.45 25.43
N ASP A 212 -4.29 -2.02 26.67
CA ASP A 212 -3.12 -1.32 27.16
C ASP A 212 -2.33 -2.22 28.10
N LYS A 213 -1.03 -2.02 28.16
CA LYS A 213 -0.24 -2.67 29.21
C LYS A 213 0.91 -1.76 29.60
N LYS A 214 0.82 -1.20 30.81
CA LYS A 214 1.89 -0.40 31.39
C LYS A 214 3.10 -1.28 31.72
N ILE A 215 4.29 -0.72 31.53
CA ILE A 215 5.56 -1.39 31.81
C ILE A 215 6.13 -0.78 33.07
N VAL A 216 6.03 -1.50 34.19
CA VAL A 216 6.54 -0.99 35.46
C VAL A 216 7.68 -1.90 35.91
N PRO A 217 8.62 -1.41 36.72
CA PRO A 217 9.72 -2.27 37.16
C PRO A 217 9.22 -3.50 37.89
N ARG A 218 9.95 -4.60 37.72
CA ARG A 218 9.74 -5.79 38.52
C ARG A 218 9.78 -5.39 40.01
N ASP A 219 8.80 -5.87 40.77
CA ASP A 219 8.59 -5.44 42.15
C ASP A 219 9.51 -6.15 43.14
N ASP B 1 -2.20 -7.31 -22.90
CA ASP B 1 -1.98 -6.55 -21.67
C ASP B 1 -0.53 -6.19 -21.55
N ILE B 2 -0.29 -4.97 -21.06
CA ILE B 2 1.05 -4.39 -21.04
C ILE B 2 1.84 -4.92 -19.85
N LEU B 3 2.99 -5.50 -20.14
CA LEU B 3 3.86 -6.06 -19.13
C LEU B 3 4.90 -5.02 -18.70
N LEU B 4 5.04 -4.83 -17.40
CA LEU B 4 6.00 -3.88 -16.84
C LEU B 4 7.10 -4.65 -16.12
N THR B 5 8.29 -4.67 -16.70
CA THR B 5 9.44 -5.35 -16.12
C THR B 5 10.27 -4.39 -15.28
N GLN B 6 10.48 -4.72 -14.02
CA GLN B 6 11.37 -3.98 -13.13
C GLN B 6 12.55 -4.86 -12.74
N SER B 7 13.70 -4.62 -13.37
CA SER B 7 14.90 -5.38 -13.05
C SER B 7 16.08 -4.43 -12.90
N PRO B 8 16.89 -4.59 -11.84
CA PRO B 8 16.82 -5.71 -10.89
C PRO B 8 15.72 -5.58 -9.83
N ALA B 9 15.44 -6.72 -9.18
CA ALA B 9 14.42 -6.80 -8.16
C ALA B 9 14.87 -6.20 -6.84
N ILE B 10 16.17 -6.23 -6.57
CA ILE B 10 16.74 -5.62 -5.38
C ILE B 10 17.87 -4.70 -5.83
N LEU B 11 18.02 -3.60 -5.11
CA LEU B 11 19.01 -2.56 -5.40
C LEU B 11 19.69 -2.23 -4.08
N SER B 12 21.01 -2.43 -4.02
CA SER B 12 21.79 -2.16 -2.82
C SER B 12 22.69 -0.96 -3.06
N VAL B 13 22.53 0.07 -2.23
CA VAL B 13 23.17 1.35 -2.47
C VAL B 13 23.68 1.92 -1.15
N SER B 14 24.64 2.80 -1.25
CA SER B 14 25.16 3.33 0.00
C SER B 14 24.50 4.68 0.30
N PRO B 15 24.44 5.09 1.57
CA PRO B 15 23.68 6.31 1.89
C PRO B 15 24.22 7.52 1.14
N GLY B 16 23.30 8.38 0.70
CA GLY B 16 23.65 9.59 -0.02
C GLY B 16 23.93 9.40 -1.49
N GLU B 17 24.06 8.16 -1.94
CA GLU B 17 24.28 7.87 -3.35
C GLU B 17 23.02 8.12 -4.17
N ARG B 18 23.20 8.35 -5.47
CA ARG B 18 22.08 8.34 -6.41
C ARG B 18 21.67 6.90 -6.68
N VAL B 19 20.39 6.71 -7.02
CA VAL B 19 19.86 5.37 -7.27
C VAL B 19 18.78 5.48 -8.34
N SER B 20 18.70 4.45 -9.19
CA SER B 20 17.81 4.43 -10.34
C SER B 20 17.10 3.09 -10.44
N PHE B 21 15.77 3.15 -10.42
CA PHE B 21 14.91 2.00 -10.64
C PHE B 21 14.46 1.98 -12.08
N SER B 22 14.59 0.82 -12.72
CA SER B 22 14.17 0.66 -14.09
C SER B 22 12.77 0.10 -14.15
N CYS B 23 11.99 0.59 -15.11
CA CYS B 23 10.69 0.06 -15.44
C CYS B 23 10.56 0.06 -16.96
N ARG B 24 10.40 -1.14 -17.53
CA ARG B 24 10.36 -1.32 -18.97
C ARG B 24 8.99 -1.86 -19.38
N ALA B 25 8.36 -1.23 -20.37
CA ALA B 25 7.04 -1.66 -20.79
C ALA B 25 7.11 -2.51 -22.06
N SER B 26 6.21 -3.50 -22.12
CA SER B 26 6.24 -4.42 -23.24
C SER B 26 5.87 -3.74 -24.54
N GLN B 27 5.25 -2.57 -24.50
CA GLN B 27 5.02 -1.80 -25.71
C GLN B 27 5.05 -0.32 -25.34
N SER B 28 4.99 0.52 -26.35
CA SER B 28 5.14 1.97 -26.18
C SER B 28 3.94 2.56 -25.46
N ILE B 29 4.20 3.30 -24.39
CA ILE B 29 3.07 3.82 -23.60
C ILE B 29 3.19 5.32 -23.34
N GLY B 30 3.92 6.01 -24.21
CA GLY B 30 4.05 7.46 -24.08
C GLY B 30 4.78 7.77 -22.79
N THR B 31 4.17 8.63 -21.97
CA THR B 31 4.63 8.91 -20.61
C THR B 31 3.60 8.46 -19.58
N ASP B 32 2.82 7.43 -19.91
CA ASP B 32 1.69 7.02 -19.09
C ASP B 32 2.12 5.99 -18.03
N ILE B 33 3.11 6.39 -17.22
CA ILE B 33 3.67 5.52 -16.19
C ILE B 33 3.70 6.31 -14.89
N HIS B 34 3.35 5.65 -13.79
CA HIS B 34 3.30 6.28 -12.47
C HIS B 34 4.09 5.42 -11.47
N TRP B 35 4.59 6.03 -10.40
CA TRP B 35 5.48 5.31 -9.49
C TRP B 35 4.94 5.41 -8.06
N TYR B 36 4.91 4.25 -7.39
CA TYR B 36 4.46 4.14 -6.01
C TYR B 36 5.59 3.65 -5.13
N GLN B 37 5.61 4.15 -3.91
CA GLN B 37 6.51 3.66 -2.88
C GLN B 37 5.67 2.96 -1.82
N GLN B 38 6.10 1.78 -1.40
CA GLN B 38 5.43 1.08 -0.32
C GLN B 38 6.47 0.60 0.69
N ARG B 39 6.40 1.14 1.89
CA ARG B 39 7.27 0.66 2.95
C ARG B 39 6.64 -0.52 3.66
N THR B 40 7.45 -1.16 4.51
CA THR B 40 7.03 -2.28 5.34
C THR B 40 5.68 -2.02 6.00
N ASN B 41 4.68 -2.78 5.56
CA ASN B 41 3.31 -2.79 6.10
C ASN B 41 2.58 -1.44 5.99
N GLY B 42 2.95 -0.59 5.03
CA GLY B 42 2.19 0.58 4.69
C GLY B 42 1.52 0.43 3.33
N SER B 43 0.64 1.32 3.04
CA SER B 43 0.02 1.17 1.74
C SER B 43 0.86 1.90 0.69
N PRO B 44 0.65 1.63 -0.60
CA PRO B 44 1.45 2.33 -1.61
C PRO B 44 1.21 3.83 -1.57
N ARG B 45 2.23 4.59 -1.96
CA ARG B 45 2.19 6.05 -1.97
C ARG B 45 2.62 6.56 -3.33
N LEU B 46 1.74 7.30 -4.00
CA LEU B 46 2.08 7.93 -5.28
C LEU B 46 3.28 8.84 -5.11
N LEU B 47 4.29 8.62 -5.93
CA LEU B 47 5.55 9.33 -5.86
C LEU B 47 5.72 10.29 -7.02
N ILE B 48 5.45 9.79 -8.22
CA ILE B 48 5.69 10.44 -9.49
C ILE B 48 4.56 10.00 -10.40
N LYS B 49 4.02 10.93 -11.18
CA LYS B 49 2.95 10.62 -12.11
C LYS B 49 3.34 11.06 -13.51
N TYR B 50 2.80 10.37 -14.50
CA TYR B 50 3.10 10.68 -15.90
C TYR B 50 4.61 10.76 -16.13
N ALA B 51 5.32 9.79 -15.55
CA ALA B 51 6.74 9.56 -15.77
C ALA B 51 7.64 10.60 -15.11
N SER B 52 7.23 11.88 -15.02
CA SER B 52 8.13 12.85 -14.41
C SER B 52 7.47 13.91 -13.53
N GLU B 53 6.15 13.91 -13.39
CA GLU B 53 5.48 14.99 -12.68
C GLU B 53 5.56 14.79 -11.16
N SER B 54 6.01 15.83 -10.47
CA SER B 54 6.00 15.86 -9.02
C SER B 54 4.61 15.66 -8.46
N ILE B 55 4.58 15.15 -7.24
CA ILE B 55 3.40 15.05 -6.41
C ILE B 55 3.68 15.91 -5.19
N SER B 56 2.73 16.76 -4.80
CA SER B 56 2.96 17.56 -3.61
C SER B 56 3.13 16.64 -2.40
N GLY B 57 4.08 16.99 -1.53
CA GLY B 57 4.38 16.19 -0.36
C GLY B 57 5.52 15.20 -0.52
N ILE B 58 6.00 14.99 -1.73
CA ILE B 58 7.07 14.03 -2.01
C ILE B 58 8.40 14.78 -2.04
N PRO B 59 9.44 14.31 -1.35
CA PRO B 59 10.73 15.02 -1.35
C PRO B 59 11.26 15.24 -2.76
N SER B 60 11.77 16.45 -3.01
CA SER B 60 12.36 16.79 -4.31
C SER B 60 13.43 15.80 -4.74
N ARG B 61 14.00 15.07 -3.78
CA ARG B 61 14.90 13.96 -3.98
C ARG B 61 14.45 12.98 -5.06
N PHE B 62 13.14 12.85 -5.26
CA PHE B 62 12.54 11.92 -6.21
C PHE B 62 12.30 12.60 -7.55
N SER B 63 12.66 11.92 -8.63
CA SER B 63 12.34 12.40 -9.96
C SER B 63 12.12 11.19 -10.84
N GLY B 64 11.54 11.44 -12.01
CA GLY B 64 11.28 10.39 -12.97
C GLY B 64 11.63 10.85 -14.37
N SER B 65 11.82 9.88 -15.25
CA SER B 65 12.28 10.17 -16.60
C SER B 65 11.91 8.98 -17.47
N GLY B 66 11.95 9.20 -18.77
CA GLY B 66 11.63 8.16 -19.73
C GLY B 66 10.39 8.49 -20.55
N SER B 67 10.27 7.79 -21.67
CA SER B 67 9.06 7.76 -22.50
C SER B 67 9.21 6.63 -23.50
N GLY B 68 8.08 6.08 -23.91
CA GLY B 68 8.09 4.93 -24.79
C GLY B 68 7.98 3.65 -23.99
N THR B 69 9.07 2.89 -23.93
CA THR B 69 9.11 1.66 -23.16
C THR B 69 10.00 1.72 -21.92
N ASP B 70 10.95 2.66 -21.82
CA ASP B 70 11.98 2.60 -20.78
C ASP B 70 11.83 3.79 -19.84
N PHE B 71 11.55 3.48 -18.56
CA PHE B 71 11.23 4.48 -17.54
C PHE B 71 12.15 4.30 -16.36
N THR B 72 12.53 5.41 -15.76
CA THR B 72 13.46 5.39 -14.65
C THR B 72 12.89 6.25 -13.54
N LEU B 73 12.92 5.73 -12.32
CA LEU B 73 12.63 6.52 -11.13
C LEU B 73 13.95 6.71 -10.40
N SER B 74 14.20 7.93 -9.93
CA SER B 74 15.51 8.28 -9.40
C SER B 74 15.39 8.91 -8.04
N ILE B 75 16.40 8.65 -7.22
CA ILE B 75 16.53 9.25 -5.90
C ILE B 75 17.95 9.83 -5.84
N ASN B 76 18.06 11.15 -5.96
CA ASN B 76 19.29 11.80 -5.52
C ASN B 76 19.48 11.46 -4.05
N SER B 77 20.71 11.24 -3.61
CA SER B 77 20.96 11.16 -2.17
C SER B 77 20.00 10.23 -1.41
N VAL B 78 20.24 8.92 -1.44
CA VAL B 78 19.36 7.99 -0.73
C VAL B 78 19.53 8.11 0.79
N GLU B 79 18.44 7.89 1.52
CA GLU B 79 18.50 7.81 2.97
C GLU B 79 17.55 6.73 3.48
N SER B 80 17.59 6.51 4.79
CA SER B 80 16.96 5.35 5.39
C SER B 80 15.46 5.31 5.14
N GLU B 81 14.80 6.47 5.18
CA GLU B 81 13.35 6.45 4.98
C GLU B 81 12.99 5.99 3.57
N ASP B 82 13.96 5.95 2.65
CA ASP B 82 13.74 5.50 1.28
C ASP B 82 13.72 3.99 1.15
N ILE B 83 14.07 3.24 2.20
CA ILE B 83 13.93 1.80 2.17
C ILE B 83 12.45 1.47 2.01
N ALA B 84 12.14 0.64 1.01
CA ALA B 84 10.77 0.45 0.56
C ALA B 84 10.79 -0.44 -0.67
N ASN B 85 9.59 -0.84 -1.07
CA ASN B 85 9.38 -1.42 -2.38
C ASN B 85 8.82 -0.36 -3.31
N TYR B 86 9.35 -0.33 -4.51
CA TYR B 86 9.04 0.69 -5.51
C TYR B 86 8.38 0.01 -6.69
N TYR B 87 7.18 0.47 -7.06
CA TYR B 87 6.38 -0.13 -8.13
C TYR B 87 6.05 0.90 -9.19
N CYS B 88 6.08 0.49 -10.45
CA CYS B 88 5.53 1.31 -11.50
C CYS B 88 4.22 0.75 -12.00
N GLN B 89 3.46 1.59 -12.69
CA GLN B 89 2.07 1.33 -13.08
C GLN B 89 1.78 2.14 -14.33
N GLN B 90 1.09 1.52 -15.29
CA GLN B 90 0.76 2.18 -16.55
C GLN B 90 -0.76 2.38 -16.68
N SER B 91 -1.12 3.52 -17.29
CA SER B 91 -2.51 3.85 -17.60
C SER B 91 -2.71 4.13 -19.09
N ASN B 92 -1.83 3.63 -19.93
CA ASN B 92 -1.95 3.86 -21.36
C ASN B 92 -3.08 3.04 -21.98
N ARG B 93 -3.23 1.79 -21.52
CA ARG B 93 -4.09 0.79 -22.15
C ARG B 93 -4.76 0.00 -21.05
N TRP B 94 -6.02 -0.35 -21.28
CA TRP B 94 -6.76 -1.18 -20.36
C TRP B 94 -6.32 -2.64 -20.49
N PRO B 95 -6.15 -3.37 -19.37
CA PRO B 95 -6.30 -2.87 -17.99
C PRO B 95 -5.02 -2.22 -17.50
N PHE B 96 -5.12 -1.34 -16.50
CA PHE B 96 -3.93 -0.88 -15.79
C PHE B 96 -3.15 -2.08 -15.28
N THR B 97 -1.83 -1.95 -15.27
CA THR B 97 -0.99 -3.04 -14.79
C THR B 97 0.13 -2.44 -13.96
N PHE B 98 0.75 -3.30 -13.16
CA PHE B 98 1.84 -2.91 -12.27
C PHE B 98 3.10 -3.68 -12.63
N GLY B 99 4.24 -3.04 -12.44
CA GLY B 99 5.51 -3.76 -12.45
C GLY B 99 5.64 -4.64 -11.21
N SER B 100 6.60 -5.57 -11.26
CA SER B 100 6.72 -6.55 -10.20
C SER B 100 7.40 -6.01 -8.93
N GLY B 101 8.00 -4.82 -8.98
CA GLY B 101 8.53 -4.22 -7.76
C GLY B 101 10.04 -4.29 -7.61
N THR B 102 10.65 -3.25 -7.08
CA THR B 102 12.08 -3.26 -6.83
C THR B 102 12.32 -2.79 -5.40
N LYS B 103 12.95 -3.65 -4.60
CA LYS B 103 13.24 -3.33 -3.20
C LYS B 103 14.53 -2.54 -3.10
N LEU B 104 14.48 -1.43 -2.36
CA LEU B 104 15.67 -0.61 -2.11
C LEU B 104 16.30 -1.02 -0.80
N GLU B 105 17.62 -1.09 -0.81
CA GLU B 105 18.38 -1.68 0.27
C GLU B 105 19.61 -0.80 0.44
N ILE B 106 19.96 -0.52 1.69
CA ILE B 106 21.04 0.41 2.00
C ILE B 106 22.16 -0.33 2.69
N LYS B 107 23.39 -0.16 2.19
CA LYS B 107 24.58 -0.68 2.86
C LYS B 107 25.13 0.38 3.79
N ARG B 108 25.14 0.10 5.09
CA ARG B 108 25.56 1.05 6.09
C ARG B 108 26.71 0.47 6.91
N ALA B 109 27.27 1.28 7.79
CA ALA B 109 28.38 0.83 8.60
C ALA B 109 27.94 -0.31 9.51
N ASP B 110 28.85 -1.26 9.75
CA ASP B 110 28.56 -2.38 10.63
C ASP B 110 28.16 -1.89 12.01
N ALA B 111 27.24 -2.60 12.64
CA ALA B 111 26.80 -2.24 13.98
C ALA B 111 26.53 -3.53 14.75
N ALA B 112 27.10 -3.62 15.96
CA ALA B 112 26.80 -4.75 16.82
C ALA B 112 25.39 -4.63 17.39
N PRO B 113 24.73 -5.76 17.62
CA PRO B 113 23.37 -5.70 18.18
C PRO B 113 23.43 -5.22 19.61
N THR B 114 22.34 -4.60 20.07
CA THR B 114 22.15 -4.32 21.48
C THR B 114 21.23 -5.41 22.03
N VAL B 115 21.77 -6.21 22.94
CA VAL B 115 21.06 -7.39 23.41
C VAL B 115 20.39 -7.08 24.74
N SER B 116 19.12 -7.51 24.84
CA SER B 116 18.36 -7.42 26.07
C SER B 116 17.69 -8.75 26.31
N ILE B 117 17.79 -9.27 27.54
CA ILE B 117 17.09 -10.47 27.94
C ILE B 117 15.97 -10.05 28.87
N PHE B 118 14.83 -10.77 28.80
CA PHE B 118 13.63 -10.40 29.53
C PHE B 118 13.00 -11.62 30.18
N PRO B 119 12.97 -11.71 31.50
CA PRO B 119 12.28 -12.82 32.16
C PRO B 119 10.81 -12.83 31.79
N PRO B 120 10.14 -13.97 31.88
CA PRO B 120 8.69 -14.00 31.68
C PRO B 120 8.00 -13.12 32.72
N SER B 121 6.83 -12.60 32.34
CA SER B 121 6.08 -11.74 33.23
C SER B 121 5.26 -12.57 34.22
N SER B 122 4.92 -11.95 35.35
CA SER B 122 4.12 -12.66 36.34
C SER B 122 2.68 -12.79 35.89
N GLU B 123 2.17 -11.82 35.14
CA GLU B 123 0.89 -12.01 34.46
C GLU B 123 0.89 -13.31 33.68
N GLN B 124 1.94 -13.54 32.88
CA GLN B 124 1.99 -14.73 32.03
C GLN B 124 2.13 -15.99 32.87
N LEU B 125 3.05 -15.98 33.83
CA LEU B 125 3.27 -17.15 34.68
C LEU B 125 1.97 -17.60 35.32
N THR B 126 1.11 -16.65 35.67
CA THR B 126 -0.19 -16.96 36.26
C THR B 126 -0.97 -17.92 35.39
N SER B 127 -1.04 -17.64 34.09
CA SER B 127 -1.78 -18.55 33.22
C SER B 127 -0.95 -19.78 32.80
N GLY B 128 0.11 -20.14 33.55
CA GLY B 128 0.82 -21.37 33.29
C GLY B 128 1.84 -21.34 32.17
N GLY B 129 2.11 -20.18 31.58
CA GLY B 129 3.10 -20.06 30.53
C GLY B 129 4.38 -19.37 31.02
N ALA B 130 5.41 -19.45 30.19
CA ALA B 130 6.68 -18.78 30.45
C ALA B 130 7.41 -18.61 29.14
N SER B 131 7.56 -17.36 28.69
CA SER B 131 8.34 -17.02 27.52
C SER B 131 9.44 -16.06 27.95
N VAL B 132 10.68 -16.42 27.68
CA VAL B 132 11.82 -15.57 27.93
C VAL B 132 12.22 -14.91 26.60
N VAL B 133 12.07 -13.59 26.51
CA VAL B 133 12.29 -12.86 25.27
C VAL B 133 13.70 -12.27 25.28
N CYS B 134 14.36 -12.35 24.12
CA CYS B 134 15.67 -11.75 23.90
C CYS B 134 15.59 -10.86 22.66
N PHE B 135 16.06 -9.63 22.77
CA PHE B 135 16.10 -8.70 21.63
C PHE B 135 17.55 -8.52 21.16
N LEU B 136 17.77 -8.74 19.87
CA LEU B 136 19.03 -8.37 19.21
C LEU B 136 18.70 -7.17 18.32
N ASN B 137 19.05 -5.97 18.78
CA ASN B 137 18.46 -4.74 18.25
C ASN B 137 19.49 -3.87 17.54
N ASN B 138 19.14 -3.43 16.33
CA ASN B 138 19.84 -2.40 15.58
C ASN B 138 21.29 -2.79 15.28
N PHE B 139 21.41 -3.90 14.58
CA PHE B 139 22.70 -4.38 14.13
C PHE B 139 22.73 -4.34 12.61
N TYR B 140 23.94 -4.54 12.08
CA TYR B 140 24.17 -4.62 10.64
C TYR B 140 25.53 -5.26 10.46
N PRO B 141 25.67 -6.20 9.49
CA PRO B 141 24.63 -6.70 8.56
C PRO B 141 23.62 -7.63 9.23
N LYS B 142 22.66 -8.15 8.46
CA LYS B 142 21.52 -8.82 9.05
C LYS B 142 21.79 -10.24 9.52
N ASP B 143 22.89 -10.86 9.09
CA ASP B 143 23.15 -12.23 9.51
C ASP B 143 23.66 -12.23 10.95
N ILE B 144 23.09 -13.13 11.75
CA ILE B 144 23.31 -13.12 13.18
C ILE B 144 22.79 -14.46 13.71
N ASN B 145 23.32 -14.91 14.83
CA ASN B 145 22.93 -16.19 15.41
C ASN B 145 22.70 -15.99 16.89
N VAL B 146 21.60 -16.55 17.39
CA VAL B 146 21.29 -16.48 18.82
C VAL B 146 21.34 -17.90 19.38
N LYS B 147 22.04 -18.06 20.49
CA LYS B 147 22.16 -19.33 21.18
C LYS B 147 21.52 -19.19 22.56
N TRP B 148 20.66 -20.13 22.90
CA TRP B 148 20.03 -20.16 24.22
C TRP B 148 20.71 -21.20 25.09
N LYS B 149 20.95 -20.84 26.34
CA LYS B 149 21.45 -21.78 27.33
C LYS B 149 20.55 -21.74 28.54
N ILE B 150 20.31 -22.91 29.12
CA ILE B 150 19.63 -23.06 30.41
C ILE B 150 20.60 -23.76 31.34
N ASP B 151 20.95 -23.10 32.45
CA ASP B 151 21.81 -23.68 33.47
C ASP B 151 23.10 -24.21 32.85
N GLY B 152 23.63 -23.44 31.90
CA GLY B 152 24.76 -23.87 31.11
C GLY B 152 24.44 -24.69 29.87
N SER B 153 23.25 -25.29 29.80
CA SER B 153 22.90 -26.24 28.75
C SER B 153 22.46 -25.46 27.51
N GLU B 154 23.11 -25.71 26.37
CA GLU B 154 22.54 -25.21 25.12
C GLU B 154 21.11 -25.72 24.97
N ARG B 155 20.21 -24.83 24.55
CA ARG B 155 18.81 -25.17 24.37
C ARG B 155 18.36 -24.80 22.96
N GLN B 156 17.64 -25.70 22.31
CA GLN B 156 17.17 -25.49 20.95
C GLN B 156 15.67 -25.65 20.76
N ASN B 157 14.98 -26.39 21.63
CA ASN B 157 13.57 -26.70 21.45
C ASN B 157 12.69 -25.64 22.12
N GLY B 158 11.69 -25.16 21.39
CA GLY B 158 10.80 -24.15 21.91
C GLY B 158 11.29 -22.74 21.71
N VAL B 159 12.13 -22.52 20.71
CA VAL B 159 12.69 -21.21 20.40
C VAL B 159 12.16 -20.79 19.03
N LEU B 160 11.54 -19.61 18.97
CA LEU B 160 11.10 -19.02 17.71
C LEU B 160 11.78 -17.67 17.54
N ASN B 161 12.34 -17.45 16.35
CA ASN B 161 13.03 -16.23 15.99
C ASN B 161 12.22 -15.45 14.96
N SER B 162 12.52 -14.16 14.87
CA SER B 162 11.84 -13.26 13.94
C SER B 162 12.75 -12.08 13.65
N TRP B 163 12.87 -11.72 12.37
CA TRP B 163 13.76 -10.65 11.93
C TRP B 163 12.93 -9.53 11.30
N THR B 164 13.17 -8.29 11.74
CA THR B 164 12.62 -7.15 11.02
C THR B 164 13.24 -7.04 9.64
N ASP B 165 12.52 -6.39 8.74
CA ASP B 165 13.13 -5.88 7.52
C ASP B 165 14.09 -4.75 7.90
N GLN B 166 14.88 -4.30 6.93
CA GLN B 166 15.80 -3.23 7.21
C GLN B 166 15.03 -2.01 7.72
N ASP B 167 15.50 -1.46 8.84
CA ASP B 167 14.75 -0.43 9.53
C ASP B 167 14.85 0.87 8.76
N SER B 168 13.70 1.50 8.49
CA SER B 168 13.69 2.71 7.69
C SER B 168 14.14 3.94 8.46
N LYS B 169 14.50 3.81 9.74
CA LYS B 169 15.04 4.95 10.48
C LYS B 169 16.56 5.01 10.49
N ASP B 170 17.24 3.85 10.47
CA ASP B 170 18.70 3.86 10.55
C ASP B 170 19.37 2.79 9.69
N SER B 171 18.64 2.13 8.80
CA SER B 171 19.14 1.06 7.93
C SER B 171 19.63 -0.17 8.69
N THR B 172 19.28 -0.34 9.98
CA THR B 172 19.72 -1.53 10.70
C THR B 172 18.73 -2.67 10.54
N TYR B 173 19.05 -3.77 11.22
CA TYR B 173 18.15 -4.90 11.38
C TYR B 173 18.04 -5.21 12.86
N SER B 174 16.93 -5.83 13.21
CA SER B 174 16.70 -6.29 14.57
C SER B 174 16.11 -7.69 14.52
N MET B 175 16.15 -8.36 15.66
CA MET B 175 15.64 -9.72 15.72
C MET B 175 15.18 -10.01 17.14
N SER B 176 14.03 -10.68 17.27
CA SER B 176 13.58 -11.21 18.54
C SER B 176 13.80 -12.72 18.57
N SER B 177 14.17 -13.22 19.74
CA SER B 177 14.31 -14.65 19.97
C SER B 177 13.55 -14.98 21.25
N THR B 178 12.56 -15.87 21.13
CA THR B 178 11.64 -16.11 22.24
C THR B 178 11.58 -17.59 22.55
N LEU B 179 12.16 -17.95 23.70
CA LEU B 179 12.13 -19.30 24.23
C LEU B 179 10.89 -19.45 25.11
N THR B 180 9.98 -20.35 24.72
CA THR B 180 8.76 -20.60 25.47
C THR B 180 8.85 -21.93 26.21
N LEU B 181 8.43 -21.93 27.48
CA LEU B 181 8.35 -23.12 28.31
C LEU B 181 6.98 -23.14 28.98
N THR B 182 6.74 -24.16 29.80
CA THR B 182 5.66 -24.03 30.76
C THR B 182 6.23 -23.48 32.06
N LYS B 183 5.34 -22.94 32.89
CA LYS B 183 5.77 -22.47 34.20
C LYS B 183 6.51 -23.58 34.93
N ASP B 184 6.04 -24.83 34.80
CA ASP B 184 6.64 -25.93 35.54
C ASP B 184 8.06 -26.24 35.06
N GLU B 185 8.31 -26.14 33.75
CA GLU B 185 9.68 -26.30 33.27
C GLU B 185 10.52 -25.07 33.61
N TYR B 186 9.90 -23.89 33.58
CA TYR B 186 10.58 -22.69 34.03
C TYR B 186 10.86 -22.74 35.54
N GLU B 187 9.90 -23.25 36.32
CA GLU B 187 10.04 -23.41 37.78
C GLU B 187 11.14 -24.39 38.17
N ARG B 188 11.79 -25.04 37.21
CA ARG B 188 12.71 -26.13 37.48
C ARG B 188 14.11 -25.87 36.96
N HIS B 189 14.41 -24.61 36.62
CA HIS B 189 15.71 -24.22 36.10
C HIS B 189 16.02 -22.84 36.65
N ASN B 190 17.30 -22.47 36.62
CA ASN B 190 17.75 -21.24 37.23
C ASN B 190 18.28 -20.24 36.20
N SER B 191 19.33 -20.61 35.45
CA SER B 191 20.04 -19.70 34.57
C SER B 191 19.47 -19.78 33.15
N TYR B 192 18.99 -18.66 32.65
CA TYR B 192 18.55 -18.52 31.27
C TYR B 192 19.41 -17.46 30.62
N THR B 193 20.07 -17.82 29.52
CA THR B 193 21.04 -16.93 28.90
C THR B 193 20.86 -16.99 27.39
N CYS B 194 21.15 -15.86 26.75
CA CYS B 194 20.93 -15.63 25.33
C CYS B 194 22.24 -15.13 24.75
N GLU B 195 22.72 -15.75 23.68
CA GLU B 195 24.09 -15.52 23.19
C GLU B 195 24.08 -15.09 21.72
N ALA B 196 24.31 -13.79 21.50
CA ALA B 196 24.31 -13.22 20.16
C ALA B 196 25.71 -13.26 19.55
N THR B 197 25.80 -13.80 18.35
CA THR B 197 27.05 -13.89 17.61
C THR B 197 26.91 -13.08 16.34
N HIS B 198 27.84 -12.16 16.12
CA HIS B 198 27.70 -11.22 15.02
C HIS B 198 29.08 -10.89 14.46
N LYS B 199 29.10 -10.61 13.15
CA LYS B 199 30.25 -10.12 12.40
C LYS B 199 31.12 -9.17 13.23
N THR B 200 30.49 -8.26 13.97
CA THR B 200 31.18 -7.17 14.68
C THR B 200 31.90 -7.62 15.94
N SER B 201 31.94 -8.90 16.25
CA SER B 201 32.53 -9.36 17.49
C SER B 201 32.84 -10.84 17.38
N THR B 202 34.10 -11.21 17.71
CA THR B 202 34.45 -12.63 17.72
C THR B 202 33.88 -13.32 18.95
N SER B 203 33.88 -12.63 20.07
CA SER B 203 33.20 -13.11 21.27
C SER B 203 31.70 -12.88 21.16
N PRO B 204 30.88 -13.80 21.64
CA PRO B 204 29.44 -13.55 21.64
C PRO B 204 29.10 -12.44 22.63
N ILE B 205 27.98 -11.76 22.37
CA ILE B 205 27.38 -10.89 23.36
C ILE B 205 26.33 -11.70 24.11
N VAL B 206 26.53 -11.88 25.41
CA VAL B 206 25.67 -12.73 26.23
C VAL B 206 24.94 -11.88 27.25
N LYS B 207 23.65 -12.19 27.45
CA LYS B 207 22.84 -11.65 28.53
C LYS B 207 22.19 -12.80 29.26
N SER B 208 22.27 -12.79 30.59
CA SER B 208 21.76 -13.83 31.45
C SER B 208 20.82 -13.26 32.50
N PHE B 209 19.97 -14.12 33.03
CA PHE B 209 19.29 -13.84 34.29
C PHE B 209 19.05 -15.18 34.97
N ASN B 210 18.98 -15.15 36.29
CA ASN B 210 18.65 -16.31 37.11
C ASN B 210 17.27 -16.10 37.71
N ARG B 211 16.39 -17.10 37.55
CA ARG B 211 15.04 -17.00 38.09
C ARG B 211 15.08 -16.68 39.60
N ASN B 212 16.13 -17.11 40.28
CA ASN B 212 16.35 -16.76 41.69
C ASN B 212 16.81 -15.31 41.82
N SER C 1 -31.87 39.64 -33.10
CA SER C 1 -30.92 38.61 -33.52
C SER C 1 -31.56 37.62 -34.50
N ALA C 2 -31.04 37.58 -35.72
CA ALA C 2 -31.60 36.77 -36.80
C ALA C 2 -31.43 35.27 -36.52
N LEU C 3 -32.26 34.48 -37.21
CA LEU C 3 -32.29 33.04 -36.95
C LEU C 3 -30.91 32.40 -37.13
N HIS C 4 -30.19 32.75 -38.20
CA HIS C 4 -28.99 31.99 -38.53
C HIS C 4 -27.88 32.22 -37.51
N TRP C 5 -27.78 33.43 -36.95
CA TRP C 5 -26.77 33.65 -35.91
C TRP C 5 -27.17 32.98 -34.60
N ARG C 6 -28.47 32.95 -34.27
CA ARG C 6 -28.92 32.20 -33.10
C ARG C 6 -28.60 30.72 -33.28
N ALA C 7 -28.94 30.16 -34.43
CA ALA C 7 -28.66 28.75 -34.67
C ALA C 7 -27.16 28.46 -34.57
N ALA C 8 -26.33 29.30 -35.21
CA ALA C 8 -24.88 29.11 -35.13
C ALA C 8 -24.41 29.11 -33.69
N GLY C 9 -24.91 30.05 -32.89
CA GLY C 9 -24.57 30.06 -31.48
C GLY C 9 -25.07 28.82 -30.76
N ALA C 10 -26.34 28.47 -31.01
CA ALA C 10 -26.91 27.29 -30.39
C ALA C 10 -26.11 26.05 -30.77
N ALA C 11 -25.78 25.90 -32.07
CA ALA C 11 -24.98 24.78 -32.52
C ALA C 11 -23.64 24.72 -31.79
N THR C 12 -22.97 25.86 -31.66
CA THR C 12 -21.67 25.88 -30.99
C THR C 12 -21.76 25.39 -29.56
N VAL C 13 -22.70 25.95 -28.79
CA VAL C 13 -22.90 25.51 -27.42
C VAL C 13 -23.23 24.02 -27.39
N LEU C 14 -24.08 23.58 -28.31
CA LEU C 14 -24.48 22.17 -28.34
C LEU C 14 -23.29 21.27 -28.62
N LEU C 15 -22.39 21.74 -29.47
CA LEU C 15 -21.26 20.92 -29.84
C LEU C 15 -20.32 20.76 -28.65
N VAL C 16 -20.14 21.85 -27.88
CA VAL C 16 -19.32 21.78 -26.69
C VAL C 16 -19.90 20.78 -25.71
N ILE C 17 -21.23 20.76 -25.60
CA ILE C 17 -21.86 19.80 -24.69
C ILE C 17 -21.69 18.38 -25.21
N VAL C 18 -21.80 18.19 -26.53
CA VAL C 18 -21.61 16.86 -27.11
C VAL C 18 -20.17 16.41 -26.87
N LEU C 19 -19.21 17.34 -26.99
CA LEU C 19 -17.81 16.99 -26.76
C LEU C 19 -17.58 16.52 -25.33
N LEU C 20 -18.16 17.24 -24.36
CA LEU C 20 -17.93 16.86 -22.97
C LEU C 20 -18.62 15.55 -22.64
N ALA C 21 -19.89 15.40 -23.05
CA ALA C 21 -20.59 14.16 -22.75
C ALA C 21 -19.92 12.99 -23.47
N GLY C 22 -19.43 13.24 -24.69
CA GLY C 22 -18.75 12.19 -25.44
C GLY C 22 -17.44 11.75 -24.80
N SER C 23 -16.69 12.70 -24.25
CA SER C 23 -15.46 12.31 -23.57
C SER C 23 -15.77 11.43 -22.38
N TYR C 24 -16.80 11.77 -21.62
CA TYR C 24 -17.18 10.99 -20.47
C TYR C 24 -17.70 9.62 -20.90
N LEU C 25 -18.64 9.60 -21.86
CA LEU C 25 -19.25 8.33 -22.26
C LEU C 25 -18.26 7.42 -22.98
N ALA C 26 -17.30 7.97 -23.70
CA ALA C 26 -16.30 7.13 -24.34
C ALA C 26 -15.46 6.40 -23.28
N VAL C 27 -15.03 7.10 -22.24
CA VAL C 27 -14.25 6.45 -21.20
C VAL C 27 -15.05 5.33 -20.54
N LEU C 28 -16.34 5.58 -20.32
CA LEU C 28 -17.17 4.57 -19.70
C LEU C 28 -17.40 3.38 -20.60
N ALA C 29 -17.42 3.60 -21.91
CA ALA C 29 -17.63 2.51 -22.85
C ALA C 29 -16.35 1.72 -23.09
N GLU C 30 -15.18 2.38 -23.07
CA GLU C 30 -13.93 1.76 -23.48
C GLU C 30 -13.19 1.03 -22.34
N ARG C 31 -13.26 1.50 -21.10
CA ARG C 31 -12.66 0.75 -20.01
C ARG C 31 -13.32 -0.61 -19.91
N GLY C 32 -12.51 -1.65 -19.73
CA GLY C 32 -13.03 -3.00 -19.78
C GLY C 32 -12.77 -3.71 -21.09
N ALA C 33 -12.38 -2.99 -22.14
CA ALA C 33 -11.95 -3.59 -23.39
C ALA C 33 -10.43 -3.64 -23.47
N PRO C 34 -9.82 -4.83 -23.44
CA PRO C 34 -8.35 -4.91 -23.48
C PRO C 34 -7.77 -4.23 -24.70
N GLY C 35 -6.68 -3.48 -24.48
CA GLY C 35 -6.04 -2.71 -25.54
C GLY C 35 -6.61 -1.32 -25.76
N ALA C 36 -7.78 -1.00 -25.20
CA ALA C 36 -8.35 0.33 -25.38
C ALA C 36 -7.45 1.40 -24.76
N GLN C 37 -7.33 2.52 -25.47
CA GLN C 37 -6.56 3.67 -25.05
C GLN C 37 -7.42 4.86 -24.67
N LEU C 38 -8.70 4.79 -24.97
CA LEU C 38 -9.61 5.93 -24.85
C LEU C 38 -10.28 5.92 -23.49
N ILE C 39 -9.44 5.97 -22.43
CA ILE C 39 -9.83 5.48 -21.11
C ILE C 39 -9.49 6.43 -19.98
N THR C 40 -8.91 7.61 -20.26
CA THR C 40 -8.82 8.68 -19.27
C THR C 40 -9.51 9.93 -19.84
N TYR C 41 -10.02 10.80 -18.95
CA TYR C 41 -10.88 11.88 -19.41
C TYR C 41 -10.13 12.96 -20.20
N PRO C 42 -9.00 13.49 -19.73
CA PRO C 42 -8.37 14.56 -20.52
C PRO C 42 -8.13 14.15 -21.96
N ARG C 43 -7.60 12.95 -22.20
CA ARG C 43 -7.29 12.58 -23.57
C ARG C 43 -8.55 12.22 -24.34
N ALA C 44 -9.57 11.72 -23.65
CA ALA C 44 -10.87 11.56 -24.31
C ALA C 44 -11.40 12.89 -24.82
N LEU C 45 -11.24 13.96 -24.03
CA LEU C 45 -11.69 15.29 -24.47
C LEU C 45 -10.97 15.71 -25.74
N TRP C 46 -9.63 15.62 -25.73
CA TRP C 46 -8.85 15.80 -26.95
C TRP C 46 -9.37 14.93 -28.09
N TRP C 47 -9.70 13.68 -27.80
CA TRP C 47 -10.17 12.77 -28.84
C TRP C 47 -11.52 13.21 -29.38
N SER C 48 -12.42 13.65 -28.50
CA SER C 48 -13.72 14.06 -29.01
C SER C 48 -13.61 15.29 -29.88
N VAL C 49 -12.64 16.16 -29.61
CA VAL C 49 -12.42 17.33 -30.47
C VAL C 49 -11.85 16.91 -31.81
N GLU C 50 -10.82 16.06 -31.81
CA GLU C 50 -10.29 15.63 -33.09
C GLU C 50 -11.31 14.80 -33.84
N THR C 51 -12.29 14.23 -33.15
CA THR C 51 -13.35 13.53 -33.87
C THR C 51 -14.36 14.51 -34.48
N ALA C 52 -14.76 15.53 -33.72
CA ALA C 52 -15.76 16.47 -34.22
C ALA C 52 -15.24 17.27 -35.42
N THR C 53 -13.94 17.56 -35.42
CA THR C 53 -13.34 18.26 -36.55
C THR C 53 -12.92 17.31 -37.66
N THR C 54 -12.88 16.01 -37.40
CA THR C 54 -12.42 14.98 -38.35
C THR C 54 -10.97 15.18 -38.72
N VAL C 55 -10.19 15.74 -37.78
CA VAL C 55 -8.83 16.12 -38.11
C VAL C 55 -7.93 14.91 -38.37
N GLY C 56 -8.35 13.72 -37.95
CA GLY C 56 -7.69 12.48 -38.34
C GLY C 56 -6.23 12.24 -37.95
N TYR C 57 -5.85 12.52 -36.70
CA TYR C 57 -4.49 12.20 -36.27
C TYR C 57 -4.30 10.70 -36.06
N GLY C 58 -5.36 9.99 -35.68
CA GLY C 58 -5.23 8.56 -35.47
C GLY C 58 -4.43 8.16 -34.23
N ASP C 59 -4.29 9.03 -33.23
CA ASP C 59 -3.59 8.64 -32.01
C ASP C 59 -4.53 7.99 -30.99
N LEU C 60 -5.84 8.10 -31.20
CA LEU C 60 -6.83 7.61 -30.26
C LEU C 60 -8.10 7.28 -31.03
N TYR C 61 -8.69 6.12 -30.76
CA TYR C 61 -9.98 5.82 -31.36
C TYR C 61 -10.66 4.78 -30.51
N PRO C 62 -11.98 4.66 -30.57
CA PRO C 62 -12.67 3.62 -29.80
C PRO C 62 -12.55 2.26 -30.45
N VAL C 63 -12.60 1.22 -29.62
CA VAL C 63 -12.60 -0.15 -30.10
C VAL C 63 -13.87 -0.91 -29.77
N THR C 64 -14.77 -0.36 -28.97
CA THR C 64 -16.00 -1.03 -28.57
C THR C 64 -17.18 -0.52 -29.40
N LEU C 65 -18.28 -1.28 -29.37
CA LEU C 65 -19.51 -0.87 -30.06
C LEU C 65 -20.01 0.49 -29.57
N TRP C 66 -20.13 0.65 -28.26
CA TRP C 66 -20.71 1.88 -27.72
C TRP C 66 -19.79 3.08 -27.86
N GLY C 67 -18.47 2.87 -27.80
CA GLY C 67 -17.54 3.97 -28.02
C GLY C 67 -17.56 4.43 -29.47
N ARG C 68 -17.71 3.50 -30.39
CA ARG C 68 -17.86 3.85 -31.79
C ARG C 68 -19.17 4.58 -32.05
N CYS C 69 -20.27 4.10 -31.45
CA CYS C 69 -21.54 4.81 -31.52
C CYS C 69 -21.39 6.23 -30.97
N VAL C 70 -20.73 6.38 -29.82
CA VAL C 70 -20.50 7.72 -29.28
C VAL C 70 -19.67 8.53 -30.26
N ALA C 71 -18.67 7.88 -30.88
CA ALA C 71 -17.84 8.57 -31.86
C ALA C 71 -18.66 9.04 -33.06
N VAL C 72 -19.63 8.23 -33.52
CA VAL C 72 -20.48 8.65 -34.63
C VAL C 72 -21.27 9.91 -34.29
N VAL C 73 -21.88 9.94 -33.10
CA VAL C 73 -22.63 11.12 -32.68
C VAL C 73 -21.72 12.35 -32.70
N VAL C 74 -20.47 12.17 -32.25
CA VAL C 74 -19.57 13.31 -32.14
C VAL C 74 -19.15 13.77 -33.53
N MET C 75 -18.80 12.83 -34.42
CA MET C 75 -18.56 13.16 -35.82
C MET C 75 -19.71 13.98 -36.39
N VAL C 76 -20.94 13.47 -36.25
CA VAL C 76 -22.07 14.10 -36.91
C VAL C 76 -22.36 15.46 -36.29
N ALA C 77 -22.26 15.58 -34.98
CA ALA C 77 -22.47 16.87 -34.34
C ALA C 77 -21.44 17.89 -34.81
N GLY C 78 -20.21 17.45 -35.01
CA GLY C 78 -19.13 18.32 -35.42
C GLY C 78 -19.36 18.73 -36.87
N ILE C 79 -19.46 17.75 -37.76
CA ILE C 79 -19.63 18.09 -39.16
C ILE C 79 -20.84 19.00 -39.35
N THR C 80 -21.91 18.73 -38.62
CA THR C 80 -23.16 19.45 -38.80
C THR C 80 -23.07 20.88 -38.29
N SER C 81 -22.53 21.07 -37.09
CA SER C 81 -22.32 22.41 -36.56
C SER C 81 -21.49 23.25 -37.51
N PHE C 82 -20.39 22.69 -38.02
CA PHE C 82 -19.55 23.49 -38.91
C PHE C 82 -20.30 23.82 -40.18
N GLY C 83 -21.10 22.88 -40.69
CA GLY C 83 -21.91 23.16 -41.86
C GLY C 83 -22.92 24.26 -41.61
N LEU C 84 -23.52 24.26 -40.42
CA LEU C 84 -24.49 25.31 -40.06
C LEU C 84 -23.83 26.68 -40.09
N VAL C 85 -22.60 26.78 -39.59
CA VAL C 85 -21.88 28.05 -39.60
C VAL C 85 -21.70 28.53 -41.03
N THR C 86 -21.36 27.62 -41.94
CA THR C 86 -21.26 27.96 -43.35
C THR C 86 -22.58 28.48 -43.89
N ALA C 87 -23.69 27.80 -43.53
CA ALA C 87 -25.01 28.22 -43.97
C ALA C 87 -25.39 29.59 -43.43
N ALA C 88 -24.93 29.91 -42.21
CA ALA C 88 -25.19 31.18 -41.56
C ALA C 88 -24.39 32.29 -42.23
N LEU C 89 -23.11 32.01 -42.52
CA LEU C 89 -22.29 32.93 -43.29
C LEU C 89 -22.88 33.16 -44.67
N ALA C 90 -23.41 32.11 -45.30
CA ALA C 90 -23.98 32.30 -46.63
C ALA C 90 -25.25 33.15 -46.57
N THR C 91 -26.04 33.02 -45.50
CA THR C 91 -27.23 33.84 -45.36
C THR C 91 -26.86 35.32 -45.18
N TRP C 92 -25.81 35.57 -44.39
CA TRP C 92 -25.25 36.89 -44.26
C TRP C 92 -24.83 37.45 -45.61
N PHE C 93 -23.96 36.72 -46.32
CA PHE C 93 -23.45 37.20 -47.59
C PHE C 93 -24.57 37.46 -48.59
N VAL C 94 -25.58 36.58 -48.63
CA VAL C 94 -26.64 36.73 -49.61
C VAL C 94 -27.52 37.93 -49.28
N GLY C 95 -27.75 38.18 -47.99
CA GLY C 95 -28.53 39.34 -47.60
C GLY C 95 -27.78 40.64 -47.82
N ARG C 96 -26.51 40.70 -47.39
CA ARG C 96 -25.70 41.90 -47.58
C ARG C 96 -25.55 42.24 -49.05
N GLU C 97 -25.66 41.23 -49.93
CA GLU C 97 -25.57 41.46 -51.37
C GLU C 97 -26.90 41.95 -51.95
N GLN C 98 -28.04 41.52 -51.41
CA GLN C 98 -29.32 42.14 -51.82
C GLN C 98 -29.25 43.64 -51.59
N GLU C 99 -28.74 44.04 -50.43
CA GLU C 99 -28.71 45.44 -50.06
C GLU C 99 -27.82 46.24 -51.01
N ARG C 100 -26.61 45.74 -51.28
CA ARG C 100 -25.69 46.36 -52.23
C ARG C 100 -26.37 46.66 -53.57
N ARG C 101 -27.42 45.91 -53.92
CA ARG C 101 -28.15 46.09 -55.16
C ARG C 101 -29.40 46.96 -55.00
N GLY C 102 -29.72 47.40 -53.78
CA GLY C 102 -30.95 48.14 -53.56
C GLY C 102 -32.01 47.28 -52.88
N HIS C 103 -32.46 46.22 -53.56
CA HIS C 103 -33.42 45.25 -53.03
C HIS C 103 -33.12 44.91 -51.56
BA BA D . -11.07 14.97 -42.56
#